data_3B12
#
_entry.id   3B12
#
_cell.length_a   53.497
_cell.length_b   85.065
_cell.length_c   136.354
_cell.angle_alpha   90.00
_cell.angle_beta   90.00
_cell.angle_gamma   90.00
#
_symmetry.space_group_name_H-M   'P 21 21 21'
#
loop_
_entity.id
_entity.type
_entity.pdbx_description
1 polymer 'Fluoroacetate dehalogenase'
2 non-polymer 'fluoroacetic acid'
3 non-polymer 'MAGNESIUM ION'
4 water water
#
_entity_poly.entity_id   1
_entity_poly.type   'polypeptide(L)'
_entity_poly.pdbx_seq_one_letter_code
;MFEGFERRLVDVGDVTINCVVGGSGPALLLLHGFPQNLHMWARVAPLLANEYTVVCADLRGYGGSSKPVGAPDHANYSFR
AMASDQRELMRTLGFERFHLVGHARGGRTGHRMALDHPDSVLSLAVLDIIPTYVMFEEVDRFVARAYWHWYFLQQPAPYP
EKVIGADPDTFYEGCLFGWGATGADGFDPEQLEEYRKQWRDPAAIHGSCCDYRAGGTIDFELDHGDLGRQVQCPALVFSG
SAGLMHSLFEMQVVWAPRLANMRFASLPGGHFFVDRFPDDTARILREFLSDARSGIHQTERRES
;
_entity_poly.pdbx_strand_id   A,B
#
loop_
_chem_comp.id
_chem_comp.type
_chem_comp.name
_chem_comp.formula
FAH non-polymer 'fluoroacetic acid' 'C2 H3 F O2'
MG non-polymer 'MAGNESIUM ION' 'Mg 2'
#
# COMPACT_ATOMS: atom_id res chain seq x y z
N MET A 1 15.69 -23.78 -21.84
CA MET A 1 15.08 -22.51 -22.35
C MET A 1 16.08 -21.75 -23.23
N PHE A 2 15.54 -20.99 -24.18
CA PHE A 2 16.33 -20.17 -25.11
C PHE A 2 17.40 -20.99 -25.83
N GLU A 3 17.04 -22.19 -26.28
CA GLU A 3 17.94 -23.05 -27.03
C GLU A 3 18.42 -22.35 -28.29
N GLY A 4 19.73 -22.34 -28.50
CA GLY A 4 20.32 -21.68 -29.67
C GLY A 4 20.61 -20.21 -29.47
N PHE A 5 20.02 -19.61 -28.44
CA PHE A 5 20.30 -18.21 -28.09
C PHE A 5 21.68 -18.11 -27.46
N GLU A 6 22.39 -17.03 -27.74
CA GLU A 6 23.65 -16.73 -27.06
C GLU A 6 23.35 -15.99 -25.75
N ARG A 7 24.00 -16.42 -24.67
CA ARG A 7 23.90 -15.76 -23.37
C ARG A 7 25.06 -14.78 -23.25
N ARG A 8 24.76 -13.53 -22.90
CA ARG A 8 25.77 -12.50 -22.79
C ARG A 8 25.60 -11.64 -21.54
N LEU A 9 26.71 -11.30 -20.91
CA LEU A 9 26.78 -10.31 -19.84
C LEU A 9 27.58 -9.14 -20.37
N VAL A 10 26.92 -8.01 -20.58
CA VAL A 10 27.50 -6.91 -21.33
C VAL A 10 27.68 -5.69 -20.44
N ASP A 11 28.92 -5.21 -20.33
CA ASP A 11 29.23 -3.96 -19.63
C ASP A 11 28.72 -2.79 -20.46
N VAL A 12 27.85 -1.96 -19.87
CA VAL A 12 27.25 -0.84 -20.60
C VAL A 12 27.60 0.53 -20.01
N GLY A 13 28.61 0.56 -19.15
CA GLY A 13 29.02 1.79 -18.49
C GLY A 13 29.36 1.47 -17.06
N ASP A 14 28.47 1.86 -16.15
CA ASP A 14 28.68 1.55 -14.73
C ASP A 14 27.90 0.30 -14.29
N VAL A 15 27.16 -0.30 -15.21
CA VAL A 15 26.43 -1.54 -14.91
C VAL A 15 26.71 -2.60 -15.98
N THR A 16 26.35 -3.84 -15.64
CA THR A 16 26.43 -4.95 -16.56
C THR A 16 25.02 -5.48 -16.78
N ILE A 17 24.65 -5.68 -18.03
CA ILE A 17 23.32 -6.15 -18.39
C ILE A 17 23.38 -7.59 -18.89
N ASN A 18 22.57 -8.42 -18.25
CA ASN A 18 22.40 -9.81 -18.64
C ASN A 18 21.37 -9.91 -19.75
N CYS A 19 21.68 -10.67 -20.80
CA CYS A 19 20.74 -10.82 -21.91
C CYS A 19 20.93 -12.14 -22.65
N VAL A 20 19.95 -12.46 -23.48
CA VAL A 20 20.07 -13.55 -24.45
C VAL A 20 19.76 -12.99 -25.83
N VAL A 21 20.42 -13.52 -26.85
CA VAL A 21 20.28 -13.03 -28.22
C VAL A 21 20.12 -14.21 -29.15
N GLY A 22 19.08 -14.17 -30.00
CA GLY A 22 18.84 -15.25 -30.95
C GLY A 22 18.10 -14.75 -32.16
N GLY A 23 18.11 -15.55 -33.22
CA GLY A 23 17.34 -15.24 -34.42
C GLY A 23 18.12 -14.45 -35.44
N SER A 24 17.40 -13.91 -36.42
CA SER A 24 18.01 -13.12 -37.49
C SER A 24 16.94 -12.18 -38.01
N GLY A 25 17.38 -11.09 -38.63
CA GLY A 25 16.46 -10.05 -39.08
C GLY A 25 16.60 -8.80 -38.22
N PRO A 26 15.62 -7.88 -38.35
CA PRO A 26 15.66 -6.63 -37.59
C PRO A 26 15.71 -6.87 -36.09
N ALA A 27 16.36 -5.97 -35.36
CA ALA A 27 16.47 -6.11 -33.91
C ALA A 27 15.14 -5.88 -33.21
N LEU A 28 14.87 -6.75 -32.24
CA LEU A 28 13.70 -6.68 -31.41
C LEU A 28 14.14 -6.88 -29.96
N LEU A 29 14.01 -5.83 -29.16
CA LEU A 29 14.35 -5.88 -27.74
C LEU A 29 13.08 -6.13 -26.92
N LEU A 30 13.12 -7.18 -26.11
CA LEU A 30 12.01 -7.54 -25.21
C LEU A 30 12.42 -7.26 -23.77
N LEU A 31 11.66 -6.39 -23.10
CA LEU A 31 11.94 -6.00 -21.72
C LEU A 31 10.82 -6.43 -20.78
N HIS A 32 11.20 -7.17 -19.75
CA HIS A 32 10.29 -7.72 -18.75
C HIS A 32 9.83 -6.68 -17.72
N GLY A 33 8.99 -7.16 -16.80
CA GLY A 33 8.50 -6.36 -15.68
C GLY A 33 8.72 -7.01 -14.33
N PHE A 34 7.84 -6.68 -13.39
CA PHE A 34 8.01 -6.99 -11.98
C PHE A 34 6.94 -7.99 -11.51
N PRO A 35 7.32 -9.01 -10.71
CA PRO A 35 8.64 -9.43 -10.26
C PRO A 35 9.20 -10.56 -11.13
N GLN A 36 9.62 -10.20 -12.34
CA GLN A 36 10.07 -11.20 -13.30
C GLN A 36 11.41 -10.79 -13.88
N ASN A 37 11.78 -11.42 -14.98
CA ASN A 37 13.05 -11.18 -15.64
C ASN A 37 12.93 -11.66 -17.08
N LEU A 38 14.04 -11.73 -17.80
CA LEU A 38 14.01 -12.09 -19.23
C LEU A 38 13.34 -13.43 -19.51
N HIS A 39 13.25 -14.30 -18.50
CA HIS A 39 12.62 -15.60 -18.68
C HIS A 39 11.13 -15.55 -18.93
N MET A 40 10.49 -14.40 -18.72
CA MET A 40 9.09 -14.27 -19.12
C MET A 40 8.93 -14.43 -20.64
N TRP A 41 10.03 -14.24 -21.38
CA TRP A 41 10.02 -14.32 -22.85
C TRP A 41 10.51 -15.67 -23.38
N ALA A 42 10.70 -16.64 -22.48
CA ALA A 42 11.30 -17.93 -22.88
C ALA A 42 10.56 -18.64 -24.01
N ARG A 43 9.25 -18.45 -24.09
CA ARG A 43 8.47 -19.09 -25.14
C ARG A 43 8.19 -18.14 -26.31
N VAL A 44 7.95 -16.87 -26.01
CA VAL A 44 7.72 -15.85 -27.04
C VAL A 44 8.93 -15.64 -27.94
N ALA A 45 10.11 -15.52 -27.33
CA ALA A 45 11.31 -15.15 -28.10
C ALA A 45 11.68 -16.14 -29.22
N PRO A 46 11.74 -17.46 -28.92
CA PRO A 46 12.03 -18.40 -30.01
C PRO A 46 11.01 -18.34 -31.15
N LEU A 47 9.75 -18.03 -30.84
CA LEU A 47 8.72 -17.93 -31.86
C LEU A 47 9.01 -16.79 -32.84
N LEU A 48 9.45 -15.64 -32.32
CA LEU A 48 9.71 -14.46 -33.13
C LEU A 48 11.09 -14.47 -33.80
N ALA A 49 11.96 -15.37 -33.35
CA ALA A 49 13.35 -15.42 -33.83
C ALA A 49 13.49 -15.88 -35.29
N ASN A 50 12.41 -16.38 -35.88
CA ASN A 50 12.44 -16.69 -37.32
C ASN A 50 12.44 -15.43 -38.20
N GLU A 51 12.06 -14.29 -37.63
CA GLU A 51 11.93 -13.04 -38.39
C GLU A 51 12.71 -11.86 -37.80
N TYR A 52 13.08 -11.98 -36.52
CA TYR A 52 13.77 -10.90 -35.79
C TYR A 52 15.01 -11.42 -35.10
N THR A 53 16.01 -10.54 -34.95
CA THR A 53 17.09 -10.79 -34.01
C THR A 53 16.55 -10.36 -32.65
N VAL A 54 16.19 -11.35 -31.84
CA VAL A 54 15.51 -11.10 -30.58
C VAL A 54 16.53 -11.01 -29.44
N VAL A 55 16.49 -9.89 -28.73
CA VAL A 55 17.30 -9.66 -27.55
C VAL A 55 16.35 -9.57 -26.36
N CYS A 56 16.55 -10.44 -25.37
CA CYS A 56 15.78 -10.35 -24.12
C CYS A 56 16.78 -9.98 -23.03
N ALA A 57 16.52 -8.89 -22.33
CA ALA A 57 17.47 -8.36 -21.37
C ALA A 57 16.85 -8.14 -19.99
N ASP A 58 17.68 -8.25 -18.97
CA ASP A 58 17.28 -7.96 -17.60
C ASP A 58 17.52 -6.49 -17.29
N LEU A 59 16.49 -5.83 -16.77
CA LEU A 59 16.62 -4.47 -16.30
C LEU A 59 17.58 -4.40 -15.12
N ARG A 60 18.25 -3.27 -14.98
CA ARG A 60 19.03 -2.99 -13.77
C ARG A 60 18.13 -3.21 -12.55
N GLY A 61 18.66 -3.93 -11.56
CA GLY A 61 17.90 -4.29 -10.37
C GLY A 61 17.27 -5.67 -10.42
N TYR A 62 17.30 -6.31 -11.59
CA TYR A 62 16.56 -7.53 -11.86
C TYR A 62 17.43 -8.62 -12.47
N GLY A 63 17.00 -9.87 -12.32
CA GLY A 63 17.60 -10.99 -13.02
C GLY A 63 19.09 -11.08 -12.78
N GLY A 64 19.85 -11.15 -13.88
CA GLY A 64 21.30 -11.27 -13.79
C GLY A 64 22.05 -9.98 -14.04
N SER A 65 21.33 -8.85 -14.10
CA SER A 65 21.97 -7.56 -14.32
C SER A 65 22.44 -6.95 -13.00
N SER A 66 23.25 -5.91 -13.09
CA SER A 66 23.72 -5.21 -11.89
C SER A 66 22.55 -4.67 -11.08
N LYS A 67 22.74 -4.67 -9.76
CA LYS A 67 21.74 -4.19 -8.82
C LYS A 67 22.42 -3.27 -7.82
N PRO A 68 22.79 -2.05 -8.26
CA PRO A 68 23.47 -1.14 -7.33
C PRO A 68 22.57 -0.75 -6.16
N VAL A 69 23.18 -0.33 -5.07
CA VAL A 69 22.44 0.23 -3.96
C VAL A 69 21.73 1.49 -4.46
N GLY A 70 20.45 1.64 -4.10
CA GLY A 70 19.70 2.82 -4.52
C GLY A 70 20.23 4.09 -3.89
N ALA A 71 20.35 5.13 -4.71
CA ALA A 71 20.76 6.46 -4.25
C ALA A 71 19.62 7.08 -3.41
N PRO A 72 19.95 8.01 -2.49
CA PRO A 72 18.90 8.66 -1.69
C PRO A 72 17.75 9.25 -2.50
N ASP A 73 18.04 9.77 -3.69
CA ASP A 73 17.00 10.35 -4.55
C ASP A 73 16.47 9.38 -5.60
N HIS A 74 16.92 8.13 -5.55
CA HIS A 74 16.43 7.04 -6.42
C HIS A 74 16.78 7.21 -7.89
N ALA A 75 17.62 8.19 -8.21
CA ALA A 75 17.88 8.52 -9.61
C ALA A 75 18.56 7.40 -10.40
N ASN A 76 19.33 6.56 -9.71
CA ASN A 76 19.98 5.43 -10.38
C ASN A 76 19.03 4.27 -10.69
N TYR A 77 17.76 4.43 -10.36
CA TYR A 77 16.75 3.45 -10.74
C TYR A 77 15.59 4.08 -11.52
N SER A 78 15.80 5.28 -12.04
CA SER A 78 14.80 5.92 -12.88
C SER A 78 14.62 5.14 -14.19
N PHE A 79 13.48 5.28 -14.83
CA PHE A 79 13.30 4.72 -16.16
C PHE A 79 14.27 5.32 -17.18
N ARG A 80 14.69 6.57 -16.97
CA ARG A 80 15.72 7.16 -17.81
C ARG A 80 17.03 6.37 -17.73
N ALA A 81 17.46 6.06 -16.52
CA ALA A 81 18.67 5.27 -16.30
C ALA A 81 18.50 3.86 -16.86
N MET A 82 17.35 3.23 -16.59
CA MET A 82 17.08 1.89 -17.10
C MET A 82 17.08 1.86 -18.62
N ALA A 83 16.49 2.87 -19.24
CA ALA A 83 16.44 2.98 -20.70
C ALA A 83 17.84 3.17 -21.28
N SER A 84 18.65 4.00 -20.65
CA SER A 84 20.02 4.23 -21.11
C SER A 84 20.81 2.92 -21.17
N ASP A 85 20.67 2.08 -20.14
CA ASP A 85 21.37 0.79 -20.11
C ASP A 85 21.02 -0.02 -21.34
N GLN A 86 19.72 -0.08 -21.64
CA GLN A 86 19.21 -0.97 -22.68
C GLN A 86 19.50 -0.45 -24.07
N ARG A 87 19.43 0.86 -24.27
CA ARG A 87 19.83 1.46 -25.53
C ARG A 87 21.32 1.21 -25.79
N GLU A 88 22.14 1.36 -24.76
CA GLU A 88 23.57 1.12 -24.89
C GLU A 88 23.87 -0.36 -25.13
N LEU A 89 23.13 -1.25 -24.48
CA LEU A 89 23.23 -2.68 -24.76
C LEU A 89 23.04 -2.92 -26.26
N MET A 90 21.94 -2.42 -26.80
CA MET A 90 21.63 -2.65 -28.20
C MET A 90 22.74 -2.10 -29.12
N ARG A 91 23.23 -0.90 -28.81
CA ARG A 91 24.33 -0.31 -29.57
C ARG A 91 25.57 -1.21 -29.56
N THR A 92 25.92 -1.71 -28.37
CA THR A 92 27.08 -2.58 -28.21
C THR A 92 26.92 -3.87 -29.01
N LEU A 93 25.67 -4.34 -29.14
CA LEU A 93 25.36 -5.53 -29.94
C LEU A 93 25.28 -5.24 -31.44
N GLY A 94 25.42 -3.98 -31.82
CA GLY A 94 25.49 -3.59 -33.23
C GLY A 94 24.21 -2.97 -33.78
N PHE A 95 23.25 -2.72 -32.89
CA PHE A 95 21.93 -2.21 -33.29
CA PHE A 95 21.95 -2.18 -33.30
C PHE A 95 21.76 -0.74 -32.87
N GLU A 96 21.81 0.16 -33.84
CA GLU A 96 21.55 1.59 -33.61
C GLU A 96 20.06 1.88 -33.48
N ARG A 97 19.25 1.04 -34.11
CA ARG A 97 17.80 1.17 -34.10
C ARG A 97 17.19 -0.21 -33.92
N PHE A 98 16.07 -0.27 -33.22
CA PHE A 98 15.45 -1.55 -32.90
C PHE A 98 13.99 -1.36 -32.53
N HIS A 99 13.22 -2.41 -32.74
CA HIS A 99 11.85 -2.50 -32.22
C HIS A 99 11.92 -2.80 -30.74
N LEU A 100 10.95 -2.29 -29.98
CA LEU A 100 10.97 -2.47 -28.54
C LEU A 100 9.61 -2.88 -28.03
N VAL A 101 9.60 -3.98 -27.29
CA VAL A 101 8.39 -4.48 -26.63
C VAL A 101 8.70 -4.55 -25.14
N GLY A 102 7.86 -3.91 -24.32
CA GLY A 102 8.09 -3.91 -22.88
C GLY A 102 6.85 -4.19 -22.08
N HIS A 103 6.96 -5.14 -21.16
CA HIS A 103 5.88 -5.42 -20.21
C HIS A 103 6.12 -4.67 -18.92
N ALA A 104 5.09 -3.99 -18.42
CA ALA A 104 5.14 -3.39 -17.09
C ALA A 104 6.37 -2.46 -16.96
N ARG A 105 7.28 -2.75 -16.03
CA ARG A 105 8.46 -1.90 -15.85
C ARG A 105 9.24 -1.73 -17.16
N GLY A 106 9.28 -2.78 -17.96
CA GLY A 106 9.95 -2.73 -19.26
C GLY A 106 9.22 -1.85 -20.27
N GLY A 107 7.90 -1.84 -20.17
CA GLY A 107 7.09 -0.92 -20.97
C GLY A 107 7.32 0.53 -20.60
N ARG A 108 7.43 0.79 -19.30
CA ARG A 108 7.74 2.13 -18.81
C ARG A 108 9.14 2.57 -19.24
N THR A 109 10.08 1.63 -19.18
CA THR A 109 11.43 1.85 -19.69
C THR A 109 11.38 2.21 -21.18
N GLY A 110 10.58 1.47 -21.95
CA GLY A 110 10.42 1.73 -23.37
C GLY A 110 9.81 3.08 -23.71
N HIS A 111 8.76 3.46 -22.97
CA HIS A 111 8.13 4.77 -23.15
C HIS A 111 9.17 5.88 -22.95
N ARG A 112 9.91 5.81 -21.86
CA ARG A 112 10.94 6.78 -21.56
C ARG A 112 12.05 6.75 -22.62
N MET A 113 12.46 5.56 -23.06
CA MET A 113 13.47 5.48 -24.12
C MET A 113 13.04 6.17 -25.40
N ALA A 114 11.78 5.98 -25.78
CA ALA A 114 11.25 6.59 -27.00
C ALA A 114 11.17 8.11 -26.88
N LEU A 115 10.90 8.62 -25.69
CA LEU A 115 10.93 10.07 -25.46
C LEU A 115 12.36 10.64 -25.49
N ASP A 116 13.29 9.93 -24.86
CA ASP A 116 14.66 10.42 -24.73
C ASP A 116 15.46 10.25 -26.02
N HIS A 117 15.22 9.15 -26.74
CA HIS A 117 15.99 8.84 -27.94
C HIS A 117 15.09 8.27 -29.03
N PRO A 118 14.20 9.11 -29.56
CA PRO A 118 13.19 8.64 -30.52
C PRO A 118 13.78 7.93 -31.73
N ASP A 119 14.96 8.35 -32.19
CA ASP A 119 15.57 7.77 -33.39
C ASP A 119 16.01 6.32 -33.21
N SER A 120 16.19 5.88 -31.97
CA SER A 120 16.63 4.51 -31.70
C SER A 120 15.48 3.50 -31.71
N VAL A 121 14.26 3.98 -31.48
CA VAL A 121 13.13 3.09 -31.27
C VAL A 121 12.23 3.07 -32.53
N LEU A 122 12.26 1.94 -33.24
CA LEU A 122 11.54 1.80 -34.51
C LEU A 122 10.04 1.64 -34.32
N SER A 123 9.67 0.96 -33.24
CA SER A 123 8.28 0.77 -32.84
C SER A 123 8.27 0.47 -31.35
N LEU A 124 7.14 0.71 -30.70
CA LEU A 124 7.03 0.56 -29.27
C LEU A 124 5.75 -0.16 -28.90
N ALA A 125 5.87 -1.28 -28.18
CA ALA A 125 4.72 -1.98 -27.65
C ALA A 125 4.79 -1.92 -26.14
N VAL A 126 3.72 -1.42 -25.52
CA VAL A 126 3.62 -1.32 -24.07
C VAL A 126 2.58 -2.31 -23.57
N LEU A 127 3.03 -3.28 -22.80
CA LEU A 127 2.17 -4.39 -22.39
C LEU A 127 1.67 -4.23 -20.96
N ASP A 128 0.34 -4.25 -20.87
CA ASP A 128 -0.46 -4.08 -19.67
C ASP A 128 0.01 -2.98 -18.72
N ILE A 129 0.13 -1.76 -19.24
CA ILE A 129 0.44 -0.60 -18.40
C ILE A 129 -0.46 0.57 -18.68
N ILE A 130 -0.77 1.28 -17.60
CA ILE A 130 -1.31 2.65 -17.62
C ILE A 130 -0.10 3.55 -17.40
N PRO A 131 -0.02 4.72 -18.09
CA PRO A 131 1.15 5.57 -17.90
C PRO A 131 1.42 5.88 -16.43
N THR A 132 2.69 5.90 -16.06
CA THR A 132 3.09 6.15 -14.67
C THR A 132 2.44 7.42 -14.13
N TYR A 133 2.46 8.49 -14.95
CA TYR A 133 1.91 9.77 -14.54
C TYR A 133 0.42 9.65 -14.19
N VAL A 134 -0.32 8.94 -15.04
CA VAL A 134 -1.75 8.74 -14.85
C VAL A 134 -2.03 7.90 -13.61
N MET A 135 -1.27 6.82 -13.42
CA MET A 135 -1.40 5.96 -12.23
C MET A 135 -1.41 6.76 -10.94
N PHE A 136 -0.49 7.72 -10.84
CA PHE A 136 -0.35 8.56 -9.65
C PHE A 136 -1.30 9.75 -9.62
N GLU A 137 -1.37 10.49 -10.72
CA GLU A 137 -2.18 11.71 -10.75
C GLU A 137 -3.68 11.41 -10.66
N GLU A 138 -4.09 10.28 -11.23
CA GLU A 138 -5.50 9.89 -11.22
C GLU A 138 -5.81 8.78 -10.20
N VAL A 139 -4.94 8.63 -9.21
CA VAL A 139 -5.18 7.64 -8.17
C VAL A 139 -6.51 7.95 -7.46
N ASP A 140 -7.25 6.89 -7.13
CA ASP A 140 -8.39 6.99 -6.24
C ASP A 140 -8.38 5.76 -5.35
N ARG A 141 -9.41 5.59 -4.53
CA ARG A 141 -9.42 4.50 -3.56
C ARG A 141 -9.39 3.11 -4.22
N PHE A 142 -9.92 3.02 -5.43
CA PHE A 142 -9.94 1.75 -6.17
C PHE A 142 -8.57 1.43 -6.79
N VAL A 143 -7.96 2.43 -7.40
CA VAL A 143 -6.66 2.27 -8.02
C VAL A 143 -5.57 1.97 -6.98
N ALA A 144 -5.62 2.68 -5.86
CA ALA A 144 -4.65 2.46 -4.78
C ALA A 144 -4.82 1.08 -4.15
N ARG A 145 -6.05 0.61 -4.00
CA ARG A 145 -6.30 -0.72 -3.45
C ARG A 145 -5.86 -1.81 -4.43
N ALA A 146 -6.15 -1.63 -5.71
CA ALA A 146 -5.80 -2.62 -6.73
C ALA A 146 -4.29 -2.78 -6.84
N TYR A 147 -3.59 -1.67 -7.05
CA TYR A 147 -2.14 -1.65 -7.21
C TYR A 147 -1.49 -1.07 -5.94
N TRP A 148 -1.77 -1.71 -4.82
CA TRP A 148 -1.30 -1.31 -3.50
C TRP A 148 0.23 -1.27 -3.43
N HIS A 149 0.88 -2.08 -4.25
CA HIS A 149 2.34 -2.21 -4.21
C HIS A 149 3.04 -0.94 -4.68
N TRP A 150 2.34 -0.11 -5.43
CA TRP A 150 2.88 1.18 -5.87
C TRP A 150 3.19 2.08 -4.69
N TYR A 151 2.55 1.82 -3.55
CA TYR A 151 2.73 2.60 -2.34
C TYR A 151 3.59 1.88 -1.30
N PHE A 152 3.35 0.59 -1.10
CA PHE A 152 4.18 -0.18 -0.16
C PHE A 152 5.66 -0.17 -0.57
N LEU A 153 5.91 -0.40 -1.85
CA LEU A 153 7.29 -0.52 -2.33
C LEU A 153 8.06 0.80 -2.33
N GLN A 154 7.36 1.92 -2.18
CA GLN A 154 8.00 3.22 -2.02
C GLN A 154 8.51 3.47 -0.60
N GLN A 155 8.14 2.66 0.37
CA GLN A 155 8.57 2.95 1.75
C GLN A 155 10.09 2.89 1.83
N PRO A 156 10.70 3.74 2.67
CA PRO A 156 12.16 3.82 2.70
C PRO A 156 12.85 2.50 3.05
N ALA A 157 13.94 2.22 2.34
CA ALA A 157 14.81 1.09 2.67
C ALA A 157 15.27 1.23 4.14
N PRO A 158 15.44 0.12 4.85
CA PRO A 158 15.28 -1.26 4.42
C PRO A 158 13.92 -1.91 4.75
N TYR A 159 12.88 -1.11 4.97
CA TYR A 159 11.62 -1.65 5.48
C TYR A 159 10.95 -2.67 4.52
N PRO A 160 10.62 -2.26 3.28
CA PRO A 160 10.04 -3.28 2.40
C PRO A 160 11.00 -4.45 2.14
N GLU A 161 12.29 -4.17 2.03
CA GLU A 161 13.29 -5.22 1.82
C GLU A 161 13.22 -6.30 2.92
N LYS A 162 13.04 -5.86 4.16
CA LYS A 162 13.01 -6.77 5.29
C LYS A 162 11.68 -7.52 5.38
N VAL A 163 10.58 -6.83 5.11
CA VAL A 163 9.27 -7.47 5.11
C VAL A 163 9.22 -8.55 4.02
N ILE A 164 9.62 -8.18 2.81
CA ILE A 164 9.64 -9.13 1.71
C ILE A 164 10.64 -10.26 1.99
N GLY A 165 11.81 -9.89 2.48
CA GLY A 165 12.90 -10.83 2.74
C GLY A 165 12.54 -11.95 3.70
N ALA A 166 11.59 -11.70 4.61
CA ALA A 166 11.18 -12.72 5.57
C ALA A 166 10.45 -13.89 4.92
N ASP A 167 9.79 -13.66 3.78
CA ASP A 167 9.12 -14.72 3.01
C ASP A 167 8.88 -14.25 1.57
N PRO A 168 9.94 -14.25 0.74
CA PRO A 168 9.79 -13.72 -0.62
C PRO A 168 8.76 -14.46 -1.46
N ASP A 169 8.70 -15.79 -1.35
CA ASP A 169 7.75 -16.54 -2.17
C ASP A 169 6.31 -16.14 -1.88
N THR A 170 5.93 -16.04 -0.61
CA THR A 170 4.58 -15.58 -0.28
C THR A 170 4.33 -14.19 -0.84
N PHE A 171 5.26 -13.27 -0.60
CA PHE A 171 5.09 -11.90 -1.04
C PHE A 171 4.87 -11.79 -2.55
N TYR A 172 5.79 -12.38 -3.32
CA TYR A 172 5.75 -12.25 -4.75
C TYR A 172 4.68 -13.11 -5.43
N GLU A 173 4.35 -14.28 -4.86
CA GLU A 173 3.20 -15.04 -5.37
C GLU A 173 1.93 -14.20 -5.30
N GLY A 174 1.79 -13.42 -4.23
CA GLY A 174 0.68 -12.49 -4.09
C GLY A 174 0.68 -11.38 -5.14
N CYS A 175 1.85 -11.06 -5.67
CA CYS A 175 1.94 -10.13 -6.80
C CYS A 175 1.39 -10.78 -8.06
N LEU A 176 1.84 -12.00 -8.36
CA LEU A 176 1.36 -12.73 -9.54
C LEU A 176 -0.13 -12.96 -9.50
N PHE A 177 -0.62 -13.45 -8.35
CA PHE A 177 -1.98 -13.98 -8.26
C PHE A 177 -3.00 -12.94 -7.84
N GLY A 178 -2.54 -11.91 -7.13
CA GLY A 178 -3.40 -10.91 -6.53
C GLY A 178 -3.57 -9.73 -7.46
N TRP A 179 -2.81 -8.67 -7.24
CA TRP A 179 -2.90 -7.52 -8.13
C TRP A 179 -2.62 -7.90 -9.58
N GLY A 180 -1.78 -8.92 -9.79
CA GLY A 180 -1.46 -9.42 -11.11
C GLY A 180 -2.58 -10.20 -11.77
N ALA A 181 -3.55 -10.65 -10.96
CA ALA A 181 -4.78 -11.28 -11.45
C ALA A 181 -4.51 -12.42 -12.44
N THR A 182 -3.46 -13.19 -12.18
CA THR A 182 -3.09 -14.28 -13.06
C THR A 182 -2.97 -15.56 -12.24
N GLY A 183 -3.89 -16.49 -12.47
CA GLY A 183 -3.95 -17.72 -11.68
C GLY A 183 -2.70 -18.57 -11.83
N ALA A 184 -2.40 -19.31 -10.77
CA ALA A 184 -1.19 -20.14 -10.70
C ALA A 184 -1.04 -21.10 -11.87
N ASP A 185 -2.16 -21.63 -12.36
CA ASP A 185 -2.12 -22.62 -13.45
C ASP A 185 -1.59 -22.04 -14.77
N GLY A 186 -1.54 -20.71 -14.88
CA GLY A 186 -1.07 -20.04 -16.10
C GLY A 186 0.44 -19.89 -16.21
N PHE A 187 1.17 -20.33 -15.18
CA PHE A 187 2.62 -20.18 -15.15
C PHE A 187 3.32 -21.49 -15.45
N ASP A 188 4.26 -21.44 -16.39
CA ASP A 188 5.11 -22.57 -16.71
C ASP A 188 6.08 -22.81 -15.56
N PRO A 189 6.18 -24.07 -15.07
CA PRO A 189 7.07 -24.37 -13.94
C PRO A 189 8.52 -23.91 -14.13
N GLU A 190 9.08 -24.10 -15.32
CA GLU A 190 10.47 -23.72 -15.58
C GLU A 190 10.67 -22.21 -15.48
N GLN A 191 9.75 -21.45 -16.07
CA GLN A 191 9.83 -20.00 -15.99
C GLN A 191 9.61 -19.53 -14.57
N LEU A 192 8.63 -20.12 -13.88
CA LEU A 192 8.35 -19.76 -12.50
C LEU A 192 9.56 -19.93 -11.59
N GLU A 193 10.33 -21.01 -11.79
CA GLU A 193 11.53 -21.22 -10.99
C GLU A 193 12.57 -20.14 -11.19
N GLU A 194 12.69 -19.61 -12.41
CA GLU A 194 13.57 -18.50 -12.68
C GLU A 194 13.12 -17.24 -11.96
N TYR A 195 11.80 -17.02 -11.88
CA TYR A 195 11.32 -15.88 -11.09
C TYR A 195 11.68 -16.07 -9.63
N ARG A 196 11.44 -17.28 -9.11
CA ARG A 196 11.71 -17.60 -7.70
C ARG A 196 13.16 -17.38 -7.30
N LYS A 197 14.11 -17.71 -8.19
CA LYS A 197 15.54 -17.47 -7.92
C LYS A 197 15.79 -15.99 -7.59
N GLN A 198 15.17 -15.11 -8.37
CA GLN A 198 15.28 -13.67 -8.20
C GLN A 198 14.56 -13.17 -6.93
N TRP A 199 13.39 -13.75 -6.65
CA TRP A 199 12.61 -13.38 -5.47
C TRP A 199 13.42 -13.51 -4.19
N ARG A 200 14.26 -14.54 -4.16
CA ARG A 200 15.04 -14.89 -2.97
C ARG A 200 16.39 -14.16 -2.91
N ASP A 201 16.71 -13.38 -3.94
CA ASP A 201 17.97 -12.62 -3.98
C ASP A 201 17.78 -11.25 -3.35
N PRO A 202 18.38 -11.01 -2.17
CA PRO A 202 18.17 -9.72 -1.51
C PRO A 202 18.55 -8.51 -2.36
N ALA A 203 19.55 -8.67 -3.23
CA ALA A 203 19.94 -7.58 -4.11
C ALA A 203 18.85 -7.21 -5.12
N ALA A 204 18.11 -8.23 -5.56
CA ALA A 204 16.98 -8.03 -6.46
C ALA A 204 15.76 -7.49 -5.72
N ILE A 205 15.57 -7.92 -4.48
CA ILE A 205 14.51 -7.36 -3.64
C ILE A 205 14.76 -5.86 -3.51
N HIS A 206 16.00 -5.48 -3.20
CA HIS A 206 16.34 -4.06 -3.09
C HIS A 206 16.20 -3.31 -4.42
N GLY A 207 16.76 -3.85 -5.49
CA GLY A 207 16.72 -3.19 -6.79
C GLY A 207 15.31 -2.91 -7.26
N SER A 208 14.43 -3.90 -7.13
CA SER A 208 13.04 -3.71 -7.55
C SER A 208 12.32 -2.71 -6.65
N CYS A 209 12.57 -2.72 -5.35
CA CYS A 209 12.01 -1.67 -4.49
C CYS A 209 12.46 -0.30 -4.96
N CYS A 210 13.75 -0.16 -5.29
CA CYS A 210 14.25 1.14 -5.76
C CYS A 210 13.61 1.61 -7.07
N ASP A 211 13.32 0.65 -7.96
CA ASP A 211 12.56 0.93 -9.18
C ASP A 211 11.24 1.65 -8.81
N TYR A 212 10.51 1.08 -7.86
CA TYR A 212 9.25 1.67 -7.40
C TYR A 212 9.43 3.00 -6.67
N ARG A 213 10.51 3.15 -5.90
CA ARG A 213 10.81 4.43 -5.24
C ARG A 213 11.04 5.52 -6.28
N ALA A 214 11.81 5.21 -7.33
CA ALA A 214 12.02 6.13 -8.43
C ALA A 214 10.70 6.42 -9.15
N GLY A 215 9.89 5.37 -9.30
CA GLY A 215 8.61 5.49 -10.01
C GLY A 215 7.75 6.62 -9.47
N GLY A 216 7.71 6.73 -8.15
CA GLY A 216 6.88 7.72 -7.49
C GLY A 216 7.50 9.08 -7.29
N THR A 217 8.76 9.25 -7.68
CA THR A 217 9.49 10.49 -7.48
C THR A 217 10.07 10.99 -8.81
N ILE A 218 11.30 10.59 -9.09
CA ILE A 218 12.01 11.04 -10.29
C ILE A 218 11.25 10.75 -11.59
N ASP A 219 10.70 9.54 -11.73
CA ASP A 219 9.97 9.18 -12.95
C ASP A 219 8.71 10.00 -13.12
N PHE A 220 7.95 10.17 -12.03
CA PHE A 220 6.76 11.00 -12.06
C PHE A 220 7.09 12.42 -12.51
N GLU A 221 8.15 12.98 -11.95
CA GLU A 221 8.57 14.35 -12.27
C GLU A 221 9.04 14.50 -13.71
N LEU A 222 9.85 13.55 -14.20
CA LEU A 222 10.28 13.58 -15.60
C LEU A 222 9.10 13.47 -16.54
N ASP A 223 8.18 12.55 -16.24
CA ASP A 223 7.00 12.37 -17.07
C ASP A 223 6.14 13.63 -17.07
N HIS A 224 5.98 14.27 -15.90
CA HIS A 224 5.25 15.51 -15.82
C HIS A 224 5.80 16.57 -16.77
N GLY A 225 7.12 16.68 -16.82
CA GLY A 225 7.78 17.65 -17.70
C GLY A 225 7.53 17.40 -19.17
N ASP A 226 7.21 16.15 -19.52
CA ASP A 226 7.00 15.75 -20.91
C ASP A 226 5.53 15.69 -21.32
N LEU A 227 4.62 16.08 -20.44
CA LEU A 227 3.21 16.04 -20.79
C LEU A 227 2.95 16.84 -22.05
N GLY A 228 2.18 16.24 -22.96
CA GLY A 228 1.87 16.89 -24.24
C GLY A 228 2.72 16.37 -25.38
N ARG A 229 3.87 15.78 -25.07
CA ARG A 229 4.69 15.14 -26.09
C ARG A 229 4.10 13.79 -26.49
N GLN A 230 4.15 13.48 -27.78
CA GLN A 230 3.72 12.18 -28.27
C GLN A 230 4.87 11.44 -28.91
N VAL A 231 4.96 10.15 -28.59
CA VAL A 231 5.85 9.23 -29.30
C VAL A 231 5.34 9.13 -30.74
N GLN A 232 6.25 9.26 -31.71
CA GLN A 232 5.86 9.34 -33.12
C GLN A 232 5.86 8.01 -33.87
N CYS A 233 6.71 7.08 -33.44
CA CYS A 233 6.82 5.79 -34.12
C CYS A 233 5.55 4.95 -33.90
N PRO A 234 5.34 3.91 -34.74
CA PRO A 234 4.19 3.05 -34.49
C PRO A 234 4.22 2.46 -33.08
N ALA A 235 3.08 2.48 -32.42
CA ALA A 235 2.97 1.98 -31.05
C ALA A 235 1.79 1.03 -30.91
N LEU A 236 1.95 0.06 -30.01
CA LEU A 236 0.92 -0.91 -29.68
C LEU A 236 0.67 -0.85 -28.17
N VAL A 237 -0.59 -0.68 -27.80
CA VAL A 237 -1.02 -0.79 -26.41
C VAL A 237 -1.71 -2.14 -26.28
N PHE A 238 -1.10 -3.04 -25.53
CA PHE A 238 -1.44 -4.48 -25.54
C PHE A 238 -1.72 -4.90 -24.10
N SER A 239 -2.99 -5.06 -23.76
CA SER A 239 -3.38 -5.25 -22.37
C SER A 239 -3.98 -6.62 -22.09
N GLY A 240 -4.05 -6.97 -20.80
CA GLY A 240 -4.75 -8.16 -20.35
C GLY A 240 -6.16 -7.75 -19.95
N SER A 241 -7.16 -8.20 -20.72
CA SER A 241 -8.51 -7.71 -20.50
C SER A 241 -9.17 -8.24 -19.23
N ALA A 242 -8.55 -9.25 -18.60
CA ALA A 242 -9.03 -9.78 -17.34
C ALA A 242 -8.21 -9.25 -16.16
N GLY A 243 -7.37 -8.24 -16.43
CA GLY A 243 -6.53 -7.62 -15.41
C GLY A 243 -7.19 -6.43 -14.75
N LEU A 244 -6.62 -5.97 -13.64
CA LEU A 244 -7.21 -4.87 -12.88
C LEU A 244 -7.17 -3.51 -13.59
N MET A 245 -6.10 -3.25 -14.32
CA MET A 245 -5.92 -1.93 -14.96
C MET A 245 -6.74 -1.71 -16.24
N HIS A 246 -6.95 -2.78 -17.00
CA HIS A 246 -7.81 -2.76 -18.19
C HIS A 246 -9.23 -2.30 -17.84
N SER A 247 -9.67 -2.62 -16.62
CA SER A 247 -11.02 -2.26 -16.18
C SER A 247 -11.19 -0.93 -15.41
N LEU A 248 -10.14 -0.43 -14.77
CA LEU A 248 -10.25 0.85 -14.04
C LEU A 248 -9.96 2.08 -14.90
N PHE A 249 -9.32 1.84 -16.03
CA PHE A 249 -9.00 2.89 -16.98
C PHE A 249 -9.38 2.40 -18.37
N GLU A 250 -9.55 3.33 -19.30
CA GLU A 250 -9.66 2.97 -20.70
C GLU A 250 -8.27 3.15 -21.33
N MET A 251 -7.67 2.03 -21.75
CA MET A 251 -6.31 2.03 -22.30
C MET A 251 -6.15 3.06 -23.42
N GLN A 252 -7.15 3.13 -24.30
CA GLN A 252 -7.11 4.05 -25.44
C GLN A 252 -7.13 5.52 -25.01
N VAL A 253 -7.88 5.81 -23.95
CA VAL A 253 -8.03 7.16 -23.43
C VAL A 253 -6.76 7.67 -22.74
N VAL A 254 -6.11 6.81 -21.96
CA VAL A 254 -4.91 7.22 -21.23
C VAL A 254 -3.68 7.29 -22.12
N TRP A 255 -3.69 6.55 -23.23
CA TRP A 255 -2.52 6.49 -24.11
C TRP A 255 -2.56 7.43 -25.32
N ALA A 256 -3.77 7.77 -25.80
CA ALA A 256 -3.87 8.69 -26.96
C ALA A 256 -3.06 9.98 -26.82
N PRO A 257 -3.08 10.65 -25.64
CA PRO A 257 -2.29 11.88 -25.48
C PRO A 257 -0.77 11.67 -25.49
N ARG A 258 -0.35 10.41 -25.56
CA ARG A 258 1.06 10.06 -25.44
C ARG A 258 1.65 9.39 -26.67
N LEU A 259 0.77 8.89 -27.54
CA LEU A 259 1.18 8.11 -28.71
C LEU A 259 0.47 8.64 -29.96
N ALA A 260 1.25 9.13 -30.91
CA ALA A 260 0.69 9.70 -32.15
C ALA A 260 0.13 8.65 -33.11
N ASN A 261 0.69 7.44 -33.07
CA ASN A 261 0.32 6.37 -33.97
C ASN A 261 0.06 5.10 -33.15
N MET A 262 -1.19 4.92 -32.75
CA MET A 262 -1.53 3.94 -31.72
C MET A 262 -2.44 2.84 -32.26
N ARG A 263 -2.05 1.59 -32.00
CA ARG A 263 -2.89 0.42 -32.23
C ARG A 263 -3.14 -0.24 -30.88
N PHE A 264 -4.18 -1.06 -30.82
CA PHE A 264 -4.59 -1.75 -29.59
C PHE A 264 -4.81 -3.21 -29.80
N ALA A 265 -4.46 -4.00 -28.78
CA ALA A 265 -4.77 -5.41 -28.73
C ALA A 265 -4.92 -5.82 -27.28
N SER A 266 -5.60 -6.95 -27.07
CA SER A 266 -5.72 -7.53 -25.73
C SER A 266 -5.81 -9.03 -25.79
N LEU A 267 -5.42 -9.67 -24.71
CA LEU A 267 -5.66 -11.10 -24.51
C LEU A 267 -6.43 -11.27 -23.21
N PRO A 268 -7.27 -12.32 -23.12
CA PRO A 268 -8.15 -12.51 -21.98
C PRO A 268 -7.44 -13.10 -20.76
N GLY A 269 -6.43 -12.39 -20.27
CA GLY A 269 -5.69 -12.77 -19.08
C GLY A 269 -5.47 -11.56 -18.20
N GLY A 270 -4.78 -11.79 -17.09
CA GLY A 270 -4.42 -10.72 -16.17
C GLY A 270 -3.16 -10.00 -16.62
N HIS A 271 -2.51 -9.34 -15.66
CA HIS A 271 -1.29 -8.59 -15.93
C HIS A 271 -0.18 -9.46 -16.50
N PHE A 272 -0.11 -10.71 -16.02
CA PHE A 272 0.95 -11.62 -16.43
C PHE A 272 0.50 -12.55 -17.56
N PHE A 273 -0.31 -12.00 -18.46
CA PHE A 273 -0.87 -12.78 -19.57
C PHE A 273 0.18 -13.44 -20.46
N VAL A 274 1.37 -12.86 -20.58
CA VAL A 274 2.41 -13.46 -21.44
C VAL A 274 2.79 -14.86 -20.94
N ASP A 275 2.76 -15.06 -19.62
CA ASP A 275 3.04 -16.37 -19.05
C ASP A 275 2.04 -17.43 -19.52
N ARG A 276 0.78 -17.05 -19.61
CA ARG A 276 -0.28 -18.00 -19.97
C ARG A 276 -0.51 -18.12 -21.47
N PHE A 277 -0.23 -17.05 -22.20
CA PHE A 277 -0.56 -16.98 -23.63
C PHE A 277 0.67 -16.68 -24.49
N PRO A 278 1.74 -17.48 -24.38
CA PRO A 278 2.92 -17.10 -25.17
C PRO A 278 2.74 -17.15 -26.69
N ASP A 279 2.05 -18.16 -27.20
CA ASP A 279 1.86 -18.30 -28.65
C ASP A 279 1.02 -17.16 -29.20
N ASP A 280 -0.02 -16.79 -28.48
CA ASP A 280 -0.89 -15.70 -28.90
C ASP A 280 -0.24 -14.33 -28.72
N THR A 281 0.61 -14.20 -27.71
CA THR A 281 1.42 -12.98 -27.56
C THR A 281 2.34 -12.82 -28.76
N ALA A 282 3.05 -13.89 -29.13
CA ALA A 282 3.91 -13.85 -30.30
C ALA A 282 3.13 -13.50 -31.57
N ARG A 283 1.95 -14.10 -31.73
CA ARG A 283 1.09 -13.82 -32.88
C ARG A 283 0.74 -12.33 -32.99
N ILE A 284 0.28 -11.76 -31.88
CA ILE A 284 -0.12 -10.36 -31.87
C ILE A 284 1.07 -9.42 -32.10
N LEU A 285 2.19 -9.71 -31.46
CA LEU A 285 3.41 -8.93 -31.68
C LEU A 285 3.88 -9.01 -33.12
N ARG A 286 3.87 -10.23 -33.68
CA ARG A 286 4.29 -10.42 -35.07
C ARG A 286 3.47 -9.57 -36.04
N GLU A 287 2.15 -9.56 -35.83
CA GLU A 287 1.25 -8.79 -36.69
C GLU A 287 1.52 -7.29 -36.55
N PHE A 288 1.69 -6.84 -35.30
CA PHE A 288 1.97 -5.43 -35.06
C PHE A 288 3.29 -5.01 -35.71
N LEU A 289 4.33 -5.82 -35.52
CA LEU A 289 5.65 -5.50 -36.07
C LEU A 289 5.61 -5.44 -37.59
N SER A 290 4.85 -6.35 -38.21
CA SER A 290 4.63 -6.31 -39.65
C SER A 290 3.94 -5.01 -40.07
N ASP A 291 2.89 -4.62 -39.33
CA ASP A 291 2.18 -3.36 -39.56
C ASP A 291 3.10 -2.16 -39.41
N ALA A 292 3.94 -2.20 -38.38
CA ALA A 292 4.87 -1.11 -38.08
C ALA A 292 5.92 -0.94 -39.17
N ARG A 293 6.34 -2.06 -39.77
CA ARG A 293 7.34 -2.04 -40.83
C ARG A 293 6.73 -1.65 -42.19
N SER A 294 5.41 -1.76 -42.29
CA SER A 294 4.67 -1.37 -43.49
C SER A 294 4.18 0.08 -43.36
N MET B 1 1.47 -2.82 35.36
CA MET B 1 0.77 -1.60 34.85
C MET B 1 -0.67 -1.61 35.36
N PHE B 2 -1.33 -0.45 35.37
CA PHE B 2 -2.72 -0.32 35.80
C PHE B 2 -2.92 -0.81 37.25
N GLU B 3 -1.97 -0.50 38.13
CA GLU B 3 -2.09 -0.85 39.55
C GLU B 3 -3.37 -0.27 40.13
N GLY B 4 -4.14 -1.11 40.82
CA GLY B 4 -5.40 -0.70 41.40
C GLY B 4 -6.61 -0.81 40.49
N PHE B 5 -6.36 -1.01 39.19
CA PHE B 5 -7.44 -1.20 38.22
C PHE B 5 -7.97 -2.64 38.31
N GLU B 6 -9.27 -2.81 38.14
CA GLU B 6 -9.87 -4.13 38.02
C GLU B 6 -9.73 -4.62 36.58
N ARG B 7 -9.34 -5.87 36.41
CA ARG B 7 -9.24 -6.49 35.09
C ARG B 7 -10.51 -7.30 34.85
N ARG B 8 -11.15 -7.09 33.70
CA ARG B 8 -12.39 -7.78 33.40
C ARG B 8 -12.46 -8.26 31.95
N LEU B 9 -12.93 -9.48 31.78
CA LEU B 9 -13.33 -10.01 30.49
C LEU B 9 -14.85 -10.07 30.48
N VAL B 10 -15.47 -9.26 29.62
CA VAL B 10 -16.91 -9.05 29.67
C VAL B 10 -17.58 -9.56 28.40
N ASP B 11 -18.48 -10.52 28.56
CA ASP B 11 -19.28 -11.01 27.43
C ASP B 11 -20.32 -9.95 27.05
N VAL B 12 -20.27 -9.50 25.80
CA VAL B 12 -21.17 -8.44 25.35
C VAL B 12 -22.15 -8.89 24.27
N GLY B 13 -22.25 -10.19 24.07
CA GLY B 13 -23.14 -10.76 23.06
C GLY B 13 -22.45 -11.94 22.42
N ASP B 14 -21.93 -11.75 21.21
CA ASP B 14 -21.18 -12.80 20.53
C ASP B 14 -19.66 -12.65 20.69
N VAL B 15 -19.22 -11.61 21.40
CA VAL B 15 -17.79 -11.43 21.68
C VAL B 15 -17.55 -11.14 23.16
N THR B 16 -16.30 -11.28 23.55
CA THR B 16 -15.85 -10.94 24.88
C THR B 16 -14.87 -9.78 24.75
N ILE B 17 -15.10 -8.73 25.54
CA ILE B 17 -14.23 -7.56 25.53
C ILE B 17 -13.34 -7.54 26.76
N ASN B 18 -12.04 -7.43 26.52
CA ASN B 18 -11.05 -7.28 27.57
C ASN B 18 -10.93 -5.82 27.97
N CYS B 19 -10.94 -5.54 29.27
CA CYS B 19 -10.78 -4.17 29.73
C CYS B 19 -10.17 -4.09 31.11
N VAL B 20 -9.77 -2.88 31.47
CA VAL B 20 -9.39 -2.54 32.84
C VAL B 20 -10.23 -1.34 33.27
N VAL B 21 -10.60 -1.30 34.55
CA VAL B 21 -11.48 -0.27 35.09
C VAL B 21 -10.85 0.25 36.38
N GLY B 22 -10.65 1.56 36.49
CA GLY B 22 -10.09 2.17 37.69
C GLY B 22 -10.67 3.54 37.94
N GLY B 23 -10.41 4.08 39.12
CA GLY B 23 -10.82 5.42 39.46
C GLY B 23 -12.24 5.54 39.96
N SER B 24 -12.73 6.77 39.98
CA SER B 24 -14.08 7.06 40.45
C SER B 24 -14.53 8.35 39.80
N GLY B 25 -15.84 8.57 39.75
CA GLY B 25 -16.38 9.72 39.04
C GLY B 25 -17.05 9.30 37.75
N PRO B 26 -17.36 10.27 36.88
CA PRO B 26 -18.03 9.99 35.62
C PRO B 26 -17.21 9.02 34.77
N ALA B 27 -17.90 8.23 33.97
CA ALA B 27 -17.22 7.24 33.12
C ALA B 27 -16.47 7.90 31.98
N LEU B 28 -15.25 7.39 31.76
CA LEU B 28 -14.41 7.80 30.65
C LEU B 28 -13.88 6.55 29.98
N LEU B 29 -14.32 6.31 28.74
CA LEU B 29 -13.88 5.17 27.95
C LEU B 29 -12.74 5.59 27.03
N LEU B 30 -11.61 4.91 27.17
CA LEU B 30 -10.43 5.14 26.33
C LEU B 30 -10.25 3.97 25.37
N LEU B 31 -10.27 4.28 24.08
CA LEU B 31 -10.15 3.28 23.01
C LEU B 31 -8.88 3.50 22.19
N HIS B 32 -8.08 2.44 22.09
CA HIS B 32 -6.80 2.43 21.41
C HIS B 32 -6.94 2.33 19.88
N GLY B 33 -5.79 2.32 19.21
CA GLY B 33 -5.71 2.12 17.77
C GLY B 33 -4.75 1.00 17.37
N PHE B 34 -4.19 1.16 16.18
CA PHE B 34 -3.44 0.11 15.49
C PHE B 34 -1.97 0.50 15.35
N PRO B 35 -1.03 -0.44 15.60
CA PRO B 35 -1.16 -1.80 16.10
C PRO B 35 -0.91 -1.86 17.61
N GLN B 36 -1.88 -1.38 18.38
CA GLN B 36 -1.74 -1.29 19.81
C GLN B 36 -2.97 -1.90 20.50
N ASN B 37 -3.12 -1.64 21.79
CA ASN B 37 -4.20 -2.17 22.59
C ASN B 37 -4.35 -1.25 23.81
N LEU B 38 -5.11 -1.67 24.81
CA LEU B 38 -5.40 -0.80 25.94
C LEU B 38 -4.14 -0.33 26.68
N HIS B 39 -3.03 -1.03 26.49
CA HIS B 39 -1.78 -0.62 27.14
C HIS B 39 -1.22 0.72 26.68
N MET B 40 -1.72 1.26 25.57
CA MET B 40 -1.32 2.61 25.18
C MET B 40 -1.74 3.64 26.24
N TRP B 41 -2.72 3.27 27.07
CA TRP B 41 -3.25 4.16 28.11
C TRP B 41 -2.66 3.87 29.49
N ALA B 42 -1.63 3.03 29.57
CA ALA B 42 -1.09 2.62 30.86
C ALA B 42 -0.65 3.77 31.77
N ARG B 43 -0.21 4.87 31.16
CA ARG B 43 0.22 6.03 31.95
C ARG B 43 -0.86 7.11 32.02
N VAL B 44 -1.59 7.32 30.93
CA VAL B 44 -2.67 8.30 30.90
C VAL B 44 -3.80 7.93 31.88
N ALA B 45 -4.22 6.66 31.88
CA ALA B 45 -5.40 6.26 32.65
C ALA B 45 -5.26 6.51 34.16
N PRO B 46 -4.16 6.06 34.79
CA PRO B 46 -4.01 6.37 36.22
C PRO B 46 -4.02 7.85 36.53
N LEU B 47 -3.52 8.68 35.61
CA LEU B 47 -3.53 10.13 35.85
C LEU B 47 -4.95 10.67 35.91
N LEU B 48 -5.82 10.19 35.04
CA LEU B 48 -7.21 10.67 34.97
C LEU B 48 -8.14 10.01 35.99
N ALA B 49 -7.67 8.92 36.59
CA ALA B 49 -8.50 8.13 37.53
C ALA B 49 -8.83 8.84 38.84
N ASN B 50 -8.18 9.99 39.10
CA ASN B 50 -8.55 10.80 40.27
C ASN B 50 -9.88 11.54 40.09
N GLU B 51 -10.35 11.65 38.85
CA GLU B 51 -11.57 12.40 38.54
C GLU B 51 -12.61 11.59 37.75
N TYR B 52 -12.17 10.51 37.12
CA TYR B 52 -13.03 9.70 36.25
C TYR B 52 -12.94 8.22 36.60
N THR B 53 -14.03 7.50 36.37
CA THR B 53 -13.98 6.05 36.32
C THR B 53 -13.50 5.72 34.92
N VAL B 54 -12.23 5.37 34.83
CA VAL B 54 -11.56 5.17 33.54
C VAL B 54 -11.64 3.70 33.14
N VAL B 55 -12.22 3.46 31.97
CA VAL B 55 -12.31 2.14 31.37
C VAL B 55 -11.44 2.15 30.12
N CYS B 56 -10.45 1.27 30.08
CA CYS B 56 -9.62 1.09 28.89
C CYS B 56 -9.94 -0.28 28.33
N ALA B 57 -10.38 -0.33 27.08
CA ALA B 57 -10.88 -1.57 26.50
C ALA B 57 -10.17 -1.90 25.19
N ASP B 58 -10.06 -3.20 24.91
CA ASP B 58 -9.54 -3.68 23.64
C ASP B 58 -10.67 -3.83 22.63
N LEU B 59 -10.46 -3.27 21.45
CA LEU B 59 -11.41 -3.44 20.35
C LEU B 59 -11.44 -4.90 19.92
N ARG B 60 -12.58 -5.34 19.38
CA ARG B 60 -12.63 -6.67 18.78
C ARG B 60 -11.53 -6.77 17.71
N GLY B 61 -10.84 -7.91 17.71
CA GLY B 61 -9.71 -8.10 16.81
C GLY B 61 -8.36 -7.79 17.44
N TYR B 62 -8.37 -7.19 18.63
CA TYR B 62 -7.16 -6.63 19.25
C TYR B 62 -6.99 -7.10 20.68
N GLY B 63 -5.76 -7.02 21.17
CA GLY B 63 -5.46 -7.22 22.58
C GLY B 63 -6.00 -8.53 23.12
N GLY B 64 -6.75 -8.44 24.21
CA GLY B 64 -7.34 -9.61 24.84
C GLY B 64 -8.80 -9.87 24.50
N SER B 65 -9.34 -9.11 23.54
CA SER B 65 -10.74 -9.28 23.15
C SER B 65 -10.91 -10.38 22.10
N SER B 66 -12.15 -10.77 21.86
CA SER B 66 -12.43 -11.78 20.82
C SER B 66 -11.95 -11.29 19.46
N LYS B 67 -11.53 -12.25 18.66
CA LYS B 67 -11.02 -11.99 17.31
C LYS B 67 -11.65 -13.00 16.34
N PRO B 68 -12.96 -12.83 16.06
CA PRO B 68 -13.62 -13.74 15.13
C PRO B 68 -12.99 -13.71 13.74
N VAL B 69 -13.17 -14.80 13.00
CA VAL B 69 -12.77 -14.82 11.59
C VAL B 69 -13.60 -13.77 10.85
N GLY B 70 -12.95 -12.98 10.02
CA GLY B 70 -13.65 -11.96 9.26
C GLY B 70 -14.64 -12.56 8.26
N ALA B 71 -15.84 -11.99 8.22
CA ALA B 71 -16.86 -12.37 7.25
C ALA B 71 -16.44 -11.91 5.84
N PRO B 72 -16.94 -12.57 4.78
CA PRO B 72 -16.60 -12.14 3.42
C PRO B 72 -16.85 -10.66 3.12
N ASP B 73 -17.88 -10.08 3.71
CA ASP B 73 -18.17 -8.65 3.51
C ASP B 73 -17.58 -7.75 4.59
N HIS B 74 -16.81 -8.33 5.50
CA HIS B 74 -16.10 -7.60 6.58
C HIS B 74 -17.01 -6.93 7.60
N ALA B 75 -18.30 -7.23 7.56
CA ALA B 75 -19.26 -6.49 8.40
C ALA B 75 -19.05 -6.72 9.89
N ASN B 76 -18.49 -7.87 10.25
CA ASN B 76 -18.21 -8.14 11.66
C ASN B 76 -16.99 -7.40 12.19
N TYR B 77 -16.35 -6.59 11.35
CA TYR B 77 -15.25 -5.73 11.79
C TYR B 77 -15.47 -4.26 11.46
N SER B 78 -16.72 -3.91 11.16
CA SER B 78 -17.06 -2.51 10.93
C SER B 78 -16.91 -1.70 12.22
N PHE B 79 -16.71 -0.39 12.07
CA PHE B 79 -16.74 0.48 13.24
C PHE B 79 -18.09 0.46 13.94
N ARG B 80 -19.16 0.23 13.19
CA ARG B 80 -20.49 0.06 13.80
C ARG B 80 -20.50 -1.13 14.78
N ALA B 81 -19.97 -2.26 14.33
CA ALA B 81 -19.88 -3.46 15.18
C ALA B 81 -18.95 -3.22 16.37
N MET B 82 -17.79 -2.60 16.10
CA MET B 82 -16.84 -2.29 17.16
C MET B 82 -17.44 -1.38 18.22
N ALA B 83 -18.19 -0.38 17.76
CA ALA B 83 -18.85 0.56 18.66
C ALA B 83 -19.92 -0.11 19.50
N SER B 84 -20.69 -1.01 18.89
CA SER B 84 -21.73 -1.74 19.61
C SER B 84 -21.14 -2.53 20.77
N ASP B 85 -19.99 -3.18 20.55
CA ASP B 85 -19.32 -3.92 21.61
C ASP B 85 -19.03 -3.02 22.80
N GLN B 86 -18.47 -1.84 22.50
CA GLN B 86 -17.96 -0.95 23.53
C GLN B 86 -19.08 -0.25 24.29
N ARG B 87 -20.13 0.13 23.57
CA ARG B 87 -21.32 0.69 24.20
C ARG B 87 -21.95 -0.33 25.16
N GLU B 88 -22.05 -1.59 24.72
CA GLU B 88 -22.59 -2.66 25.55
C GLU B 88 -21.69 -2.96 26.76
N LEU B 89 -20.38 -2.90 26.56
CA LEU B 89 -19.44 -3.05 27.66
C LEU B 89 -19.75 -2.02 28.75
N MET B 90 -19.87 -0.76 28.33
CA MET B 90 -20.12 0.32 29.29
C MET B 90 -21.45 0.13 30.00
N ARG B 91 -22.48 -0.29 29.25
CA ARG B 91 -23.78 -0.56 29.86
C ARG B 91 -23.68 -1.65 30.94
N THR B 92 -22.97 -2.73 30.63
CA THR B 92 -22.77 -3.83 31.59
C THR B 92 -22.03 -3.35 32.85
N LEU B 93 -21.15 -2.36 32.68
CA LEU B 93 -20.40 -1.79 33.80
C LEU B 93 -21.21 -0.74 34.58
N GLY B 94 -22.44 -0.49 34.13
CA GLY B 94 -23.36 0.41 34.84
C GLY B 94 -23.45 1.81 34.25
N PHE B 95 -22.83 2.02 33.09
CA PHE B 95 -22.80 3.33 32.47
CA PHE B 95 -22.77 3.34 32.46
C PHE B 95 -23.61 3.41 31.19
N GLU B 96 -24.75 4.10 31.26
CA GLU B 96 -25.60 4.36 30.10
C GLU B 96 -25.01 5.50 29.26
N ARG B 97 -24.25 6.38 29.92
CA ARG B 97 -23.63 7.54 29.28
C ARG B 97 -22.20 7.68 29.79
N PHE B 98 -21.31 8.12 28.91
CA PHE B 98 -19.88 8.17 29.23
C PHE B 98 -19.15 9.10 28.28
N HIS B 99 -18.04 9.66 28.75
CA HIS B 99 -17.12 10.38 27.91
C HIS B 99 -16.30 9.36 27.11
N LEU B 100 -15.92 9.71 25.88
CA LEU B 100 -15.20 8.78 25.03
C LEU B 100 -14.01 9.46 24.37
N VAL B 101 -12.84 8.85 24.55
CA VAL B 101 -11.61 9.31 23.92
C VAL B 101 -11.06 8.14 23.10
N GLY B 102 -10.84 8.36 21.81
CA GLY B 102 -10.35 7.29 20.95
C GLY B 102 -9.21 7.72 20.07
N HIS B 103 -8.14 6.91 20.06
CA HIS B 103 -7.02 7.11 19.16
C HIS B 103 -7.18 6.24 17.93
N ALA B 104 -7.02 6.82 16.75
CA ALA B 104 -6.96 6.06 15.50
C ALA B 104 -8.21 5.19 15.36
N ARG B 105 -8.05 3.88 15.30
CA ARG B 105 -9.20 2.98 15.12
C ARG B 105 -10.25 3.20 16.22
N GLY B 106 -9.79 3.51 17.42
CA GLY B 106 -10.67 3.80 18.54
C GLY B 106 -11.41 5.12 18.37
N GLY B 107 -10.75 6.10 17.75
CA GLY B 107 -11.38 7.37 17.40
C GLY B 107 -12.47 7.18 16.36
N ARG B 108 -12.20 6.32 15.39
CA ARG B 108 -13.18 6.01 14.35
C ARG B 108 -14.37 5.25 14.95
N THR B 109 -14.08 4.34 15.88
CA THR B 109 -15.13 3.64 16.62
C THR B 109 -15.98 4.65 17.39
N GLY B 110 -15.33 5.62 18.03
CA GLY B 110 -16.02 6.68 18.77
C GLY B 110 -16.92 7.57 17.93
N HIS B 111 -16.42 7.97 16.76
CA HIS B 111 -17.21 8.79 15.85
C HIS B 111 -18.48 8.05 15.43
N ARG B 112 -18.32 6.79 15.05
CA ARG B 112 -19.45 5.95 14.67
C ARG B 112 -20.42 5.74 15.84
N MET B 113 -19.89 5.54 17.05
CA MET B 113 -20.76 5.40 18.21
C MET B 113 -21.60 6.67 18.45
N ALA B 114 -20.98 7.83 18.31
CA ALA B 114 -21.69 9.08 18.52
C ALA B 114 -22.77 9.31 17.45
N LEU B 115 -22.53 8.84 16.23
CA LEU B 115 -23.55 8.91 15.18
C LEU B 115 -24.69 7.92 15.41
N ASP B 116 -24.36 6.71 15.81
CA ASP B 116 -25.37 5.66 15.98
C ASP B 116 -26.18 5.83 17.27
N HIS B 117 -25.52 6.26 18.34
CA HIS B 117 -26.15 6.37 19.66
C HIS B 117 -25.68 7.63 20.38
N PRO B 118 -26.08 8.80 19.88
CA PRO B 118 -25.58 10.08 20.41
C PRO B 118 -25.82 10.27 21.90
N ASP B 119 -26.92 9.73 22.43
CA ASP B 119 -27.26 9.88 23.84
C ASP B 119 -26.28 9.19 24.78
N SER B 120 -25.55 8.19 24.27
CA SER B 120 -24.58 7.47 25.10
C SER B 120 -23.26 8.21 25.27
N VAL B 121 -22.93 9.09 24.34
CA VAL B 121 -21.61 9.71 24.28
C VAL B 121 -21.68 11.17 24.78
N LEU B 122 -21.16 11.40 25.98
CA LEU B 122 -21.24 12.72 26.63
C LEU B 122 -20.30 13.73 25.98
N SER B 123 -19.15 13.23 25.54
CA SER B 123 -18.16 14.04 24.84
C SER B 123 -17.30 13.09 24.02
N LEU B 124 -16.68 13.60 22.97
CA LEU B 124 -15.91 12.78 22.05
C LEU B 124 -14.58 13.43 21.72
N ALA B 125 -13.49 12.70 21.99
CA ALA B 125 -12.17 13.13 21.55
C ALA B 125 -11.64 12.15 20.51
N VAL B 126 -11.22 12.68 19.37
CA VAL B 126 -10.65 11.88 18.29
C VAL B 126 -9.17 12.23 18.13
N LEU B 127 -8.31 11.25 18.39
CA LEU B 127 -6.89 11.47 18.45
C LEU B 127 -6.18 11.00 17.18
N ASP B 128 -5.49 11.97 16.58
CA ASP B 128 -4.76 11.85 15.32
C ASP B 128 -5.44 11.06 14.22
N ILE B 129 -6.65 11.48 13.85
CA ILE B 129 -7.33 10.90 12.70
C ILE B 129 -7.91 11.96 11.78
N ILE B 130 -7.91 11.61 10.50
CA ILE B 130 -8.66 12.28 9.45
C ILE B 130 -9.85 11.35 9.21
N PRO B 131 -11.06 11.89 9.00
CA PRO B 131 -12.22 11.02 8.77
C PRO B 131 -11.99 9.99 7.68
N THR B 132 -12.46 8.76 7.90
CA THR B 132 -12.36 7.68 6.91
C THR B 132 -12.80 8.12 5.53
N TYR B 133 -13.93 8.82 5.47
CA TYR B 133 -14.47 9.23 4.19
C TYR B 133 -13.48 10.12 3.43
N VAL B 134 -12.88 11.06 4.15
CA VAL B 134 -11.92 12.00 3.58
C VAL B 134 -10.63 11.28 3.16
N MET B 135 -10.15 10.37 4.01
CA MET B 135 -8.94 9.59 3.72
C MET B 135 -9.02 8.93 2.35
N PHE B 136 -10.18 8.35 2.04
CA PHE B 136 -10.37 7.64 0.79
C PHE B 136 -10.82 8.54 -0.35
N GLU B 137 -11.80 9.40 -0.11
CA GLU B 137 -12.34 10.24 -1.18
C GLU B 137 -11.30 11.25 -1.68
N GLU B 138 -10.47 11.75 -0.77
CA GLU B 138 -9.46 12.76 -1.10
C GLU B 138 -8.05 12.16 -1.21
N VAL B 139 -7.96 10.84 -1.41
CA VAL B 139 -6.67 10.22 -1.59
C VAL B 139 -5.94 10.83 -2.79
N ASP B 140 -4.64 11.02 -2.64
CA ASP B 140 -3.78 11.37 -3.77
C ASP B 140 -2.47 10.61 -3.58
N ARG B 141 -1.50 10.85 -4.44
CA ARG B 141 -0.26 10.08 -4.42
C ARG B 141 0.51 10.26 -3.11
N PHE B 142 0.33 11.41 -2.47
CA PHE B 142 0.99 11.68 -1.19
C PHE B 142 0.33 10.95 -0.03
N VAL B 143 -1.00 11.04 0.03
CA VAL B 143 -1.77 10.38 1.08
C VAL B 143 -1.64 8.85 1.01
N ALA B 144 -1.71 8.31 -0.20
CA ALA B 144 -1.55 6.88 -0.41
C ALA B 144 -0.15 6.38 -0.03
N ARG B 145 0.88 7.16 -0.34
CA ARG B 145 2.24 6.79 0.04
C ARG B 145 2.47 6.88 1.55
N ALA B 146 1.93 7.93 2.17
CA ALA B 146 2.10 8.14 3.60
C ALA B 146 1.43 7.03 4.39
N TYR B 147 0.15 6.79 4.12
CA TYR B 147 -0.64 5.78 4.81
C TYR B 147 -0.89 4.59 3.88
N TRP B 148 0.22 4.00 3.42
CA TRP B 148 0.22 2.89 2.49
C TRP B 148 -0.53 1.67 3.04
N HIS B 149 -0.55 1.55 4.36
CA HIS B 149 -1.16 0.39 5.01
C HIS B 149 -2.67 0.34 4.83
N TRP B 150 -3.28 1.48 4.57
CA TRP B 150 -4.71 1.53 4.27
C TRP B 150 -5.08 0.73 3.03
N TYR B 151 -4.08 0.48 2.17
CA TYR B 151 -4.27 -0.30 0.94
C TYR B 151 -3.72 -1.72 1.05
N PHE B 152 -2.52 -1.87 1.60
CA PHE B 152 -1.97 -3.20 1.80
C PHE B 152 -2.87 -4.07 2.68
N LEU B 153 -3.34 -3.51 3.78
CA LEU B 153 -4.12 -4.30 4.74
C LEU B 153 -5.53 -4.68 4.25
N GLN B 154 -5.97 -4.07 3.16
CA GLN B 154 -7.23 -4.44 2.52
C GLN B 154 -7.09 -5.68 1.62
N GLN B 155 -5.88 -6.12 1.32
CA GLN B 155 -5.74 -7.25 0.40
C GLN B 155 -6.40 -8.49 1.01
N PRO B 156 -7.00 -9.34 0.16
CA PRO B 156 -7.77 -10.47 0.69
C PRO B 156 -6.96 -11.44 1.55
N ALA B 157 -7.58 -11.89 2.63
CA ALA B 157 -6.97 -12.94 3.46
C ALA B 157 -6.71 -14.17 2.59
N PRO B 158 -5.64 -14.91 2.88
CA PRO B 158 -4.67 -14.76 3.95
C PRO B 158 -3.38 -14.03 3.59
N TYR B 159 -3.40 -13.23 2.52
CA TYR B 159 -2.14 -12.67 2.01
C TYR B 159 -1.43 -11.71 2.98
N PRO B 160 -2.10 -10.62 3.42
CA PRO B 160 -1.39 -9.80 4.40
C PRO B 160 -1.06 -10.57 5.69
N GLU B 161 -1.95 -11.45 6.13
CA GLU B 161 -1.71 -12.25 7.32
C GLU B 161 -0.40 -13.05 7.23
N LYS B 162 -0.16 -13.64 6.06
CA LYS B 162 1.03 -14.45 5.87
C LYS B 162 2.30 -13.61 5.71
N VAL B 163 2.20 -12.49 5.00
CA VAL B 163 3.33 -11.57 4.86
C VAL B 163 3.74 -11.04 6.24
N ILE B 164 2.76 -10.53 6.99
CA ILE B 164 3.03 -10.00 8.33
C ILE B 164 3.55 -11.10 9.24
N GLY B 165 2.90 -12.26 9.17
CA GLY B 165 3.21 -13.41 10.02
C GLY B 165 4.64 -13.90 9.91
N ALA B 166 5.28 -13.68 8.77
CA ALA B 166 6.67 -14.10 8.58
C ALA B 166 7.66 -13.32 9.45
N ASP B 167 7.32 -12.08 9.81
CA ASP B 167 8.15 -11.26 10.69
C ASP B 167 7.31 -10.11 11.23
N PRO B 168 6.45 -10.41 12.22
CA PRO B 168 5.58 -9.36 12.75
C PRO B 168 6.31 -8.18 13.38
N ASP B 169 7.43 -8.42 14.07
CA ASP B 169 8.15 -7.34 14.70
C ASP B 169 8.63 -6.30 13.68
N THR B 170 9.24 -6.75 12.60
CA THR B 170 9.67 -5.84 11.55
C THR B 170 8.47 -5.08 10.98
N PHE B 171 7.41 -5.82 10.66
CA PHE B 171 6.25 -5.20 10.04
C PHE B 171 5.63 -4.11 10.90
N TYR B 172 5.35 -4.43 12.16
CA TYR B 172 4.65 -3.50 13.02
C TYR B 172 5.54 -2.39 13.58
N GLU B 173 6.83 -2.68 13.79
CA GLU B 173 7.76 -1.61 14.15
C GLU B 173 7.78 -0.54 13.05
N GLY B 174 7.68 -0.98 11.80
CA GLY B 174 7.61 -0.06 10.67
C GLY B 174 6.34 0.77 10.66
N CYS B 175 5.28 0.26 11.29
CA CYS B 175 4.07 1.05 11.48
C CYS B 175 4.30 2.16 12.51
N LEU B 176 4.91 1.82 13.64
CA LEU B 176 5.19 2.81 14.68
C LEU B 176 6.15 3.89 14.17
N PHE B 177 7.23 3.46 13.52
CA PHE B 177 8.34 4.36 13.22
C PHE B 177 8.21 5.05 11.87
N GLY B 178 7.48 4.41 10.95
CA GLY B 178 7.37 4.88 9.57
C GLY B 178 6.15 5.78 9.41
N TRP B 179 5.05 5.21 8.93
CA TRP B 179 3.84 6.03 8.78
C TRP B 179 3.41 6.64 10.11
N GLY B 180 3.70 5.96 11.22
CA GLY B 180 3.38 6.47 12.54
C GLY B 180 4.26 7.61 12.99
N ALA B 181 5.40 7.81 12.31
CA ALA B 181 6.31 8.94 12.52
C ALA B 181 6.66 9.17 14.00
N THR B 182 6.83 8.08 14.74
CA THR B 182 7.13 8.16 16.16
C THR B 182 8.39 7.35 16.43
N GLY B 183 9.47 8.05 16.77
CA GLY B 183 10.78 7.41 16.97
C GLY B 183 10.76 6.42 18.12
N ALA B 184 11.61 5.40 18.00
CA ALA B 184 11.68 4.32 18.98
C ALA B 184 11.87 4.79 20.42
N ASP B 185 12.63 5.87 20.61
CA ASP B 185 12.93 6.37 21.95
C ASP B 185 11.70 6.89 22.69
N GLY B 186 10.61 7.13 21.96
CA GLY B 186 9.37 7.62 22.55
C GLY B 186 8.48 6.56 23.18
N PHE B 187 8.87 5.28 23.04
CA PHE B 187 8.06 4.19 23.57
C PHE B 187 8.60 3.62 24.88
N ASP B 188 7.73 3.54 25.87
CA ASP B 188 8.05 2.88 27.13
C ASP B 188 8.20 1.37 26.88
N PRO B 189 9.33 0.77 27.32
CA PRO B 189 9.56 -0.68 27.09
C PRO B 189 8.44 -1.59 27.59
N GLU B 190 7.83 -1.24 28.73
CA GLU B 190 6.76 -2.08 29.28
C GLU B 190 5.52 -2.07 28.39
N GLN B 191 5.17 -0.89 27.88
CA GLN B 191 4.04 -0.80 26.96
C GLN B 191 4.36 -1.48 25.63
N LEU B 192 5.56 -1.24 25.14
CA LEU B 192 6.00 -1.84 23.88
C LEU B 192 5.93 -3.37 23.90
N GLU B 193 6.30 -3.97 25.02
CA GLU B 193 6.25 -5.44 25.11
C GLU B 193 4.83 -6.00 25.02
N GLU B 194 3.84 -5.26 25.53
CA GLU B 194 2.45 -5.66 25.38
C GLU B 194 1.99 -5.49 23.93
N TYR B 195 2.48 -4.47 23.23
CA TYR B 195 2.14 -4.35 21.81
C TYR B 195 2.73 -5.55 21.06
N ARG B 196 3.99 -5.89 21.36
CA ARG B 196 4.69 -6.97 20.68
C ARG B 196 4.00 -8.33 20.84
N LYS B 197 3.44 -8.60 22.02
CA LYS B 197 2.67 -9.83 22.20
C LYS B 197 1.52 -9.94 21.20
N GLN B 198 0.85 -8.81 20.97
CA GLN B 198 -0.25 -8.76 20.01
C GLN B 198 0.24 -8.89 18.57
N TRP B 199 1.38 -8.26 18.26
CA TRP B 199 1.97 -8.34 16.94
C TRP B 199 2.19 -9.78 16.51
N ARG B 200 2.55 -10.61 17.48
CA ARG B 200 2.90 -12.00 17.23
C ARG B 200 1.70 -12.96 17.32
N ASP B 201 0.53 -12.42 17.64
CA ASP B 201 -0.69 -13.22 17.80
C ASP B 201 -1.39 -13.34 16.43
N PRO B 202 -1.39 -14.53 15.80
CA PRO B 202 -1.99 -14.64 14.47
C PRO B 202 -3.46 -14.23 14.42
N ALA B 203 -4.18 -14.42 15.52
CA ALA B 203 -5.59 -14.02 15.58
C ALA B 203 -5.74 -12.50 15.54
N ALA B 204 -4.78 -11.79 16.14
CA ALA B 204 -4.75 -10.32 16.12
C ALA B 204 -4.26 -9.80 14.77
N ILE B 205 -3.32 -10.49 14.15
CA ILE B 205 -2.90 -10.13 12.80
C ILE B 205 -4.13 -10.18 11.90
N HIS B 206 -4.89 -11.26 11.98
CA HIS B 206 -6.11 -11.37 11.17
C HIS B 206 -7.16 -10.32 11.53
N GLY B 207 -7.44 -10.16 12.82
CA GLY B 207 -8.48 -9.23 13.26
C GLY B 207 -8.21 -7.81 12.80
N SER B 208 -6.97 -7.35 12.99
CA SER B 208 -6.62 -6.01 12.56
C SER B 208 -6.65 -5.84 11.04
N CYS B 209 -6.25 -6.87 10.28
CA CYS B 209 -6.42 -6.81 8.83
C CYS B 209 -7.89 -6.65 8.47
N CYS B 210 -8.76 -7.40 9.16
CA CYS B 210 -10.20 -7.29 8.87
C CYS B 210 -10.77 -5.91 9.19
N ASP B 211 -10.29 -5.30 10.26
CA ASP B 211 -10.61 -3.91 10.58
C ASP B 211 -10.36 -3.00 9.36
N TYR B 212 -9.17 -3.12 8.77
CA TYR B 212 -8.83 -2.33 7.57
C TYR B 212 -9.64 -2.71 6.33
N ARG B 213 -9.97 -3.99 6.20
CA ARG B 213 -10.84 -4.43 5.09
C ARG B 213 -12.22 -3.79 5.19
N ALA B 214 -12.79 -3.80 6.40
CA ALA B 214 -14.05 -3.11 6.66
C ALA B 214 -13.88 -1.61 6.43
N GLY B 215 -12.73 -1.08 6.83
CA GLY B 215 -12.44 0.34 6.73
C GLY B 215 -12.65 0.88 5.33
N GLY B 216 -12.24 0.10 4.33
CA GLY B 216 -12.31 0.53 2.94
C GLY B 216 -13.58 0.14 2.22
N THR B 217 -14.49 -0.55 2.92
CA THR B 217 -15.73 -1.02 2.30
C THR B 217 -16.94 -0.56 3.12
N ILE B 218 -17.38 -1.40 4.05
CA ILE B 218 -18.56 -1.09 4.86
C ILE B 218 -18.47 0.25 5.61
N ASP B 219 -17.32 0.54 6.21
CA ASP B 219 -17.16 1.78 6.97
C ASP B 219 -17.25 3.01 6.07
N PHE B 220 -16.59 2.94 4.92
CA PHE B 220 -16.65 4.03 3.95
C PHE B 220 -18.09 4.28 3.50
N GLU B 221 -18.81 3.20 3.20
CA GLU B 221 -20.19 3.30 2.74
C GLU B 221 -21.13 3.86 3.81
N LEU B 222 -20.99 3.39 5.05
CA LEU B 222 -21.80 3.92 6.14
C LEU B 222 -21.51 5.39 6.37
N ASP B 223 -20.24 5.76 6.34
CA ASP B 223 -19.84 7.15 6.53
C ASP B 223 -20.39 8.04 5.41
N HIS B 224 -20.30 7.56 4.18
CA HIS B 224 -20.86 8.29 3.05
C HIS B 224 -22.34 8.60 3.25
N GLY B 225 -23.09 7.62 3.75
CA GLY B 225 -24.52 7.78 4.02
C GLY B 225 -24.83 8.83 5.07
N ASP B 226 -23.86 9.14 5.92
CA ASP B 226 -24.04 10.07 7.03
C ASP B 226 -23.46 11.46 6.79
N LEU B 227 -22.96 11.70 5.57
CA LEU B 227 -22.40 13.01 5.24
C LEU B 227 -23.43 14.11 5.52
N GLY B 228 -22.95 15.19 6.15
CA GLY B 228 -23.75 16.37 6.50
C GLY B 228 -24.36 16.29 7.91
N ARG B 229 -24.33 15.10 8.53
CA ARG B 229 -24.71 14.98 9.93
C ARG B 229 -23.58 15.52 10.80
N GLN B 230 -23.93 16.16 11.91
CA GLN B 230 -22.94 16.65 12.86
C GLN B 230 -23.15 16.04 14.22
N VAL B 231 -22.05 15.59 14.81
CA VAL B 231 -22.05 15.21 16.22
C VAL B 231 -22.28 16.49 17.05
N GLN B 232 -23.22 16.43 17.99
CA GLN B 232 -23.63 17.64 18.72
C GLN B 232 -22.92 17.84 20.06
N CYS B 233 -22.46 16.76 20.68
CA CYS B 233 -21.80 16.86 21.99
C CYS B 233 -20.44 17.56 21.87
N PRO B 234 -19.89 18.05 22.99
CA PRO B 234 -18.55 18.63 22.90
C PRO B 234 -17.55 17.64 22.34
N ALA B 235 -16.71 18.12 21.43
CA ALA B 235 -15.74 17.27 20.77
C ALA B 235 -14.36 17.91 20.75
N LEU B 236 -13.34 17.05 20.78
CA LEU B 236 -11.95 17.48 20.71
C LEU B 236 -11.25 16.74 19.57
N VAL B 237 -10.62 17.51 18.69
CA VAL B 237 -9.77 16.98 17.63
C VAL B 237 -8.33 17.21 18.11
N PHE B 238 -7.60 16.12 18.35
CA PHE B 238 -6.35 16.18 19.11
C PHE B 238 -5.29 15.44 18.28
N SER B 239 -4.40 16.20 17.63
CA SER B 239 -3.48 15.60 16.67
C SER B 239 -2.03 15.65 17.10
N GLY B 240 -1.22 14.86 16.41
CA GLY B 240 0.23 14.92 16.57
C GLY B 240 0.78 15.83 15.49
N SER B 241 1.27 17.00 15.89
CA SER B 241 1.68 18.01 14.91
C SER B 241 2.93 17.64 14.12
N ALA B 242 3.67 16.63 14.57
CA ALA B 242 4.82 16.13 13.83
C ALA B 242 4.49 14.87 13.04
N GLY B 243 3.19 14.55 12.95
CA GLY B 243 2.74 13.36 12.23
C GLY B 243 2.38 13.66 10.79
N LEU B 244 2.18 12.61 10.01
CA LEU B 244 1.89 12.76 8.57
C LEU B 244 0.52 13.37 8.28
N MET B 245 -0.49 13.00 9.06
CA MET B 245 -1.86 13.45 8.78
C MET B 245 -2.09 14.93 9.08
N HIS B 246 -1.46 15.42 10.14
CA HIS B 246 -1.54 16.83 10.55
C HIS B 246 -1.04 17.76 9.44
N SER B 247 -0.04 17.31 8.69
CA SER B 247 0.52 18.12 7.60
C SER B 247 -0.12 17.91 6.22
N LEU B 248 -0.70 16.74 5.97
CA LEU B 248 -1.32 16.47 4.66
C LEU B 248 -2.74 17.02 4.55
N PHE B 249 -3.38 17.19 5.69
CA PHE B 249 -4.73 17.75 5.76
C PHE B 249 -4.74 18.84 6.82
N GLU B 250 -5.74 19.71 6.78
CA GLU B 250 -5.98 20.59 7.91
C GLU B 250 -7.04 19.95 8.80
N MET B 251 -6.60 19.53 9.99
CA MET B 251 -7.45 18.85 10.97
C MET B 251 -8.77 19.57 11.19
N GLN B 252 -8.70 20.88 11.41
CA GLN B 252 -9.89 21.65 11.74
C GLN B 252 -10.85 21.75 10.56
N VAL B 253 -10.31 21.82 9.34
CA VAL B 253 -11.13 21.92 8.14
C VAL B 253 -11.87 20.60 7.84
N VAL B 254 -11.19 19.48 7.99
CA VAL B 254 -11.80 18.18 7.71
C VAL B 254 -12.84 17.78 8.76
N TRP B 255 -12.66 18.24 10.00
CA TRP B 255 -13.57 17.88 11.09
C TRP B 255 -14.71 18.86 11.34
N ALA B 256 -14.51 20.14 11.01
CA ALA B 256 -15.51 21.17 11.32
C ALA B 256 -16.93 20.84 10.83
N PRO B 257 -17.09 20.42 9.57
CA PRO B 257 -18.47 20.13 9.14
C PRO B 257 -19.10 18.92 9.85
N ARG B 258 -18.27 18.07 10.46
CA ARG B 258 -18.71 16.85 11.14
C ARG B 258 -19.04 17.03 12.62
N LEU B 259 -18.54 18.12 13.22
CA LEU B 259 -18.62 18.34 14.66
C LEU B 259 -19.15 19.72 14.94
N ALA B 260 -20.33 19.79 15.56
CA ALA B 260 -21.00 21.07 15.81
C ALA B 260 -20.33 21.90 16.91
N ASN B 261 -19.62 21.22 17.81
CA ASN B 261 -18.97 21.87 18.94
C ASN B 261 -17.54 21.34 19.08
N MET B 262 -16.64 21.92 18.29
CA MET B 262 -15.30 21.39 18.11
C MET B 262 -14.24 22.25 18.76
N ARG B 263 -13.36 21.62 19.53
CA ARG B 263 -12.13 22.23 20.01
C ARG B 263 -10.96 21.47 19.37
N PHE B 264 -9.82 22.14 19.24
CA PHE B 264 -8.63 21.54 18.64
C PHE B 264 -7.44 21.65 19.58
N ALA B 265 -6.62 20.61 19.61
CA ALA B 265 -5.36 20.61 20.36
C ALA B 265 -4.35 19.75 19.62
N SER B 266 -3.07 19.97 19.91
CA SER B 266 -2.01 19.12 19.37
C SER B 266 -0.84 19.01 20.32
N LEU B 267 -0.09 17.93 20.16
CA LEU B 267 1.21 17.77 20.79
C LEU B 267 2.26 17.52 19.71
N PRO B 268 3.51 17.95 19.96
CA PRO B 268 4.56 17.88 18.95
C PRO B 268 5.18 16.49 18.79
N GLY B 269 4.33 15.52 18.46
CA GLY B 269 4.76 14.15 18.19
C GLY B 269 4.08 13.63 16.94
N GLY B 270 4.37 12.36 16.63
CA GLY B 270 3.75 11.70 15.49
C GLY B 270 2.41 11.11 15.85
N HIS B 271 1.96 10.14 15.07
CA HIS B 271 0.69 9.47 15.30
C HIS B 271 0.59 8.83 16.68
N PHE B 272 1.70 8.27 17.16
CA PHE B 272 1.72 7.57 18.43
C PHE B 272 2.20 8.48 19.58
N PHE B 273 1.80 9.75 19.51
CA PHE B 273 2.22 10.76 20.49
C PHE B 273 1.85 10.39 21.94
N VAL B 274 0.77 9.63 22.14
CA VAL B 274 0.36 9.27 23.50
C VAL B 274 1.46 8.45 24.20
N ASP B 275 2.18 7.63 23.43
CA ASP B 275 3.28 6.86 23.98
C ASP B 275 4.39 7.75 24.53
N ARG B 276 4.68 8.83 23.83
CA ARG B 276 5.78 9.71 24.21
C ARG B 276 5.37 10.79 25.21
N PHE B 277 4.12 11.24 25.12
CA PHE B 277 3.63 12.38 25.90
C PHE B 277 2.43 12.03 26.80
N PRO B 278 2.54 10.98 27.65
CA PRO B 278 1.35 10.64 28.44
C PRO B 278 0.87 11.72 29.41
N ASP B 279 1.80 12.41 30.08
CA ASP B 279 1.41 13.41 31.07
C ASP B 279 0.71 14.58 30.41
N ASP B 280 1.21 14.98 29.24
CA ASP B 280 0.62 16.09 28.49
C ASP B 280 -0.70 15.70 27.84
N THR B 281 -0.79 14.45 27.40
CA THR B 281 -2.06 13.92 26.90
C THR B 281 -3.13 13.97 27.99
N ALA B 282 -2.79 13.50 29.19
CA ALA B 282 -3.71 13.55 30.31
C ALA B 282 -4.12 14.98 30.65
N ARG B 283 -3.15 15.90 30.62
CA ARG B 283 -3.42 17.31 30.89
C ARG B 283 -4.44 17.89 29.91
N ILE B 284 -4.22 17.65 28.63
CA ILE B 284 -5.08 18.19 27.59
C ILE B 284 -6.47 17.57 27.65
N LEU B 285 -6.53 16.25 27.86
CA LEU B 285 -7.82 15.59 28.01
C LEU B 285 -8.57 16.07 29.24
N ARG B 286 -7.85 16.25 30.36
CA ARG B 286 -8.49 16.72 31.59
C ARG B 286 -9.14 18.09 31.40
N GLU B 287 -8.42 18.99 30.74
CA GLU B 287 -8.95 20.34 30.48
C GLU B 287 -10.16 20.28 29.56
N PHE B 288 -10.08 19.46 28.51
CA PHE B 288 -11.20 19.29 27.60
C PHE B 288 -12.42 18.74 28.32
N LEU B 289 -12.23 17.70 29.11
CA LEU B 289 -13.33 17.06 29.82
C LEU B 289 -14.00 18.03 30.80
N SER B 290 -13.19 18.84 31.47
CA SER B 290 -13.70 19.89 32.36
CA SER B 290 -13.70 19.89 32.36
C SER B 290 -14.54 20.89 31.59
N ASP B 291 -14.02 21.33 30.44
CA ASP B 291 -14.73 22.27 29.57
C ASP B 291 -16.03 21.65 29.04
N ALA B 292 -15.97 20.37 28.68
CA ALA B 292 -17.14 19.66 28.14
C ALA B 292 -18.24 19.57 29.19
N ARG B 293 -17.86 19.28 30.43
CA ARG B 293 -18.82 19.17 31.51
C ARG B 293 -19.49 20.51 31.79
N SER B 294 -18.71 21.59 31.74
CA SER B 294 -19.25 22.94 31.86
C SER B 294 -20.16 23.29 30.68
C FAH C . 3.60 -2.19 -12.52
F FAH C . 2.56 -2.40 -14.64
O FAH C . 3.60 -2.44 -11.28
CH3 FAH C . 2.64 -2.96 -13.38
OXT FAH C . 4.35 -1.35 -13.08
MG MG D . 11.86 3.37 -12.28
C FAH E . -5.17 4.57 11.12
F FAH E . -5.43 6.61 12.24
O FAH E . -4.44 3.78 10.47
CH3 FAH E . -4.49 5.70 11.84
OXT FAH E . -6.43 4.50 11.21
C FAH F . -18.73 11.56 7.80
F FAH F . -18.61 9.46 8.91
O FAH F . -19.36 12.63 7.61
CH3 FAH F . -19.48 10.40 8.41
OXT FAH F . -17.51 11.41 7.50
MG MG G . -13.41 -1.07 10.91
#